data_8ERH
#
_entry.id   8ERH
#
_cell.length_a   56.982
_cell.length_b   94.121
_cell.length_c   96.020
_cell.angle_alpha   90.000
_cell.angle_beta   90.000
_cell.angle_gamma   90.000
#
_symmetry.space_group_name_H-M   'P 21 21 21'
#
loop_
_entity.id
_entity.type
_entity.pdbx_description
1 polymer 'capsid protein p24'
2 non-polymer 'PHOSPHATE ION'
3 water water
#
_entity_poly.entity_id   1
_entity_poly.type   'polypeptide(L)'
_entity_poly.pdbx_seq_one_letter_code
;AKDPSWASILQGLEEPYHTFVERLNVALDNGLPEGTPKDPILRSLAYSNANKECQKLLQARGHTNSPLGDMLRACQAWTP
KDKTKVL
;
_entity_poly.pdbx_strand_id   A,B,C,D,E,F
#
# COMPACT_ATOMS: atom_id res chain seq x y z
N ALA A 1 -20.39 4.15 16.57
CA ALA A 1 -18.95 4.32 16.45
C ALA A 1 -18.35 4.81 17.76
N LYS A 2 -18.78 4.20 18.87
CA LYS A 2 -18.27 4.58 20.17
C LYS A 2 -16.75 4.45 20.21
N ASP A 3 -16.07 5.56 20.48
CA ASP A 3 -14.62 5.56 20.47
C ASP A 3 -14.08 4.69 21.60
N PRO A 4 -12.84 4.20 21.46
CA PRO A 4 -12.23 3.44 22.55
C PRO A 4 -11.96 4.33 23.76
N SER A 5 -11.83 3.68 24.91
CA SER A 5 -11.66 4.44 26.16
C SER A 5 -10.38 5.25 26.14
N TRP A 6 -9.31 4.71 25.53
CA TRP A 6 -8.03 5.42 25.52
C TRP A 6 -8.15 6.78 24.85
N ALA A 7 -9.17 6.99 24.01
CA ALA A 7 -9.31 8.24 23.27
C ALA A 7 -10.02 9.33 24.07
N SER A 8 -10.65 8.99 25.18
CA SER A 8 -11.33 9.94 26.05
C SER A 8 -10.51 10.26 27.30
N ILE A 9 -9.26 9.82 27.36
CA ILE A 9 -8.38 10.12 28.49
C ILE A 9 -7.93 11.56 28.32
N LEU A 10 -8.38 12.44 29.20
CA LEU A 10 -8.18 13.86 29.05
C LEU A 10 -7.52 14.40 30.30
N GLN A 11 -6.52 15.26 30.09
CA GLN A 11 -5.83 15.89 31.21
C GLN A 11 -6.81 16.78 31.95
N GLY A 12 -7.01 16.52 33.23
CA GLY A 12 -7.82 17.41 34.04
C GLY A 12 -7.21 18.79 34.14
N LEU A 13 -8.06 19.77 34.46
CA LEU A 13 -7.55 21.13 34.65
C LEU A 13 -6.55 21.19 35.78
N GLU A 14 -6.64 20.27 36.74
CA GLU A 14 -5.76 20.27 37.89
C GLU A 14 -4.87 19.02 37.94
N GLU A 15 -4.66 18.36 36.85
CA GLU A 15 -3.89 17.11 36.83
C GLU A 15 -2.47 17.34 36.31
N PRO A 16 -1.45 16.93 37.06
CA PRO A 16 -0.08 17.06 36.55
C PRO A 16 0.11 16.36 35.21
N TYR A 17 0.93 16.98 34.35
CA TYR A 17 1.09 16.47 32.99
C TYR A 17 1.67 15.05 32.98
N HIS A 18 2.66 14.79 33.83
CA HIS A 18 3.29 13.47 33.85
C HIS A 18 2.28 12.39 34.23
N THR A 19 1.39 12.67 35.17
CA THR A 19 0.37 11.71 35.58
C THR A 19 -0.60 11.46 34.43
N PHE A 20 -0.99 12.51 33.71
CA PHE A 20 -1.84 12.35 32.54
C PHE A 20 -1.18 11.46 31.50
N VAL A 21 0.11 11.71 31.19
CA VAL A 21 0.79 10.89 30.19
C VAL A 21 0.87 9.44 30.65
N GLU A 22 1.09 9.21 31.94
CA GLU A 22 1.08 7.84 32.46
C GLU A 22 -0.29 7.19 32.27
N ARG A 23 -1.37 7.94 32.53
CA ARG A 23 -2.68 7.36 32.31
C ARG A 23 -2.90 7.02 30.83
N LEU A 24 -2.42 7.87 29.92
CA LEU A 24 -2.46 7.53 28.50
C LEU A 24 -1.65 6.27 28.23
N ASN A 25 -0.43 6.22 28.77
CA ASN A 25 0.44 5.07 28.52
C ASN A 25 -0.21 3.77 28.96
N VAL A 26 -0.84 3.75 30.15
CA VAL A 26 -1.51 2.53 30.60
C VAL A 26 -2.71 2.22 29.70
N ALA A 27 -3.48 3.24 29.32
CA ALA A 27 -4.68 2.97 28.54
C ALA A 27 -4.30 2.38 27.18
N LEU A 28 -3.22 2.87 26.59
CA LEU A 28 -2.77 2.34 25.30
C LEU A 28 -2.18 0.95 25.45
N ASP A 29 -1.40 0.71 26.52
CA ASP A 29 -0.88 -0.62 26.78
C ASP A 29 -2.01 -1.65 26.81
N ASN A 30 -3.14 -1.30 27.42
CA ASN A 30 -4.23 -2.25 27.60
C ASN A 30 -5.30 -2.16 26.52
N GLY A 31 -5.34 -1.08 25.76
CA GLY A 31 -6.40 -0.87 24.79
C GLY A 31 -5.93 -0.95 23.35
N LEU A 32 -4.84 -0.28 23.02
CA LEU A 32 -4.32 -0.31 21.67
C LEU A 32 -4.00 -1.75 21.27
N PRO A 33 -4.47 -2.22 20.12
CA PRO A 33 -4.18 -3.59 19.71
C PRO A 33 -2.69 -3.90 19.80
N GLU A 34 -2.38 -5.10 20.28
CA GLU A 34 -1.00 -5.55 20.31
C GLU A 34 -0.42 -5.52 18.89
N GLY A 35 0.69 -4.84 18.72
CA GLY A 35 1.36 -4.74 17.45
C GLY A 35 1.28 -3.38 16.78
N THR A 36 0.34 -2.54 17.17
CA THR A 36 0.30 -1.17 16.66
C THR A 36 1.29 -0.33 17.46
N PRO A 37 2.18 0.42 16.80
CA PRO A 37 3.18 1.19 17.55
C PRO A 37 2.53 2.19 18.49
N LYS A 38 2.84 2.05 19.78
CA LYS A 38 2.22 2.89 20.79
C LYS A 38 2.82 4.29 20.80
N ASP A 39 4.13 4.41 20.62
CA ASP A 39 4.79 5.69 20.90
C ASP A 39 4.24 6.85 20.07
N PRO A 40 4.06 6.73 18.75
CA PRO A 40 3.52 7.87 18.00
C PRO A 40 2.11 8.24 18.43
N ILE A 41 1.29 7.25 18.82
CA ILE A 41 -0.06 7.55 19.26
C ILE A 41 -0.05 8.18 20.65
N LEU A 42 0.80 7.68 21.55
CA LEU A 42 0.98 8.31 22.86
C LEU A 42 1.39 9.77 22.72
N ARG A 43 2.40 10.05 21.89
CA ARG A 43 2.84 11.43 21.69
C ARG A 43 1.72 12.31 21.13
N SER A 44 0.93 11.77 20.21
CA SER A 44 -0.16 12.55 19.63
C SER A 44 -1.21 12.90 20.68
N LEU A 45 -1.69 11.89 21.42
CA LEU A 45 -2.71 12.15 22.43
C LEU A 45 -2.18 13.03 23.55
N ALA A 46 -0.88 12.94 23.84
CA ALA A 46 -0.26 13.76 24.89
C ALA A 46 -0.30 15.23 24.54
N TYR A 47 -0.52 15.57 23.26
CA TYR A 47 -0.83 16.96 22.89
C TYR A 47 -2.34 17.18 22.74
N SER A 48 -3.01 16.35 21.94
CA SER A 48 -4.39 16.63 21.58
CA SER A 48 -4.39 16.63 21.58
C SER A 48 -5.33 16.59 22.78
N ASN A 49 -5.02 15.78 23.78
CA ASN A 49 -5.89 15.58 24.92
C ASN A 49 -5.40 16.30 26.16
N ALA A 50 -4.34 17.11 26.03
CA ALA A 50 -3.78 17.88 27.12
C ALA A 50 -4.63 19.12 27.38
N ASN A 51 -4.50 19.66 28.60
CA ASN A 51 -5.25 20.87 28.93
C ASN A 51 -4.62 22.08 28.26
N LYS A 52 -5.38 23.18 28.26
CA LYS A 52 -4.97 24.35 27.48
C LYS A 52 -3.64 24.92 27.99
N GLU A 53 -3.44 24.93 29.31
CA GLU A 53 -2.20 25.49 29.84
C GLU A 53 -0.99 24.68 29.37
N CYS A 54 -1.11 23.35 29.42
CA CYS A 54 0.00 22.50 29.00
C CYS A 54 0.18 22.51 27.48
N GLN A 55 -0.91 22.65 26.71
CA GLN A 55 -0.76 22.82 25.27
C GLN A 55 0.06 24.05 24.95
N LYS A 56 -0.12 25.13 25.71
CA LYS A 56 0.70 26.33 25.47
C LYS A 56 2.17 26.05 25.76
N LEU A 57 2.46 25.35 26.86
CA LEU A 57 3.85 24.99 27.16
C LEU A 57 4.42 24.08 26.08
N LEU A 58 3.60 23.18 25.54
CA LEU A 58 4.07 22.24 24.54
C LEU A 58 4.42 22.94 23.25
N GLN A 59 3.81 24.09 22.97
CA GLN A 59 4.09 24.82 21.73
C GLN A 59 5.55 25.26 21.67
N ALA A 60 6.19 25.44 22.82
CA ALA A 60 7.58 25.89 22.86
C ALA A 60 8.56 24.76 23.15
N ARG A 61 8.11 23.51 23.08
CA ARG A 61 8.98 22.39 23.40
C ARG A 61 10.09 22.23 22.36
N GLY A 62 11.09 21.47 22.76
CA GLY A 62 12.23 21.21 21.92
C GLY A 62 11.95 20.25 20.78
N HIS A 63 13.01 20.03 19.99
CA HIS A 63 12.95 19.29 18.72
C HIS A 63 14.11 18.29 18.69
N THR A 64 14.05 17.30 19.57
CA THR A 64 15.15 16.35 19.70
C THR A 64 14.75 14.98 19.16
N ASN A 65 15.68 14.02 19.30
CA ASN A 65 15.40 12.62 18.95
C ASN A 65 14.65 11.89 20.05
N SER A 66 14.22 12.59 21.09
CA SER A 66 13.39 12.05 22.17
C SER A 66 12.11 12.87 22.23
N PRO A 67 11.22 12.72 21.24
CA PRO A 67 10.05 13.62 21.17
C PRO A 67 9.10 13.50 22.35
N LEU A 68 8.91 12.31 22.94
CA LEU A 68 8.06 12.27 24.13
C LEU A 68 8.73 12.97 25.30
N GLY A 69 10.04 12.75 25.48
CA GLY A 69 10.78 13.49 26.49
C GLY A 69 10.68 14.99 26.31
N ASP A 70 10.68 15.46 25.05
CA ASP A 70 10.52 16.91 24.84
C ASP A 70 9.19 17.41 25.43
N MET A 71 8.12 16.62 25.30
CA MET A 71 6.81 17.02 25.80
C MET A 71 6.83 17.01 27.33
N LEU A 72 7.35 15.92 27.92
CA LEU A 72 7.40 15.82 29.38
C LEU A 72 8.23 16.95 29.99
N ARG A 73 9.39 17.25 29.39
CA ARG A 73 10.26 18.31 29.91
C ARG A 73 9.57 19.66 29.83
N ALA A 74 8.82 19.90 28.74
CA ALA A 74 8.17 21.20 28.56
C ALA A 74 7.14 21.48 29.64
N CYS A 75 6.53 20.45 30.21
CA CYS A 75 5.50 20.62 31.24
C CYS A 75 5.97 20.19 32.62
N GLN A 76 7.25 19.91 32.80
CA GLN A 76 7.73 19.31 34.04
C GLN A 76 7.68 20.27 35.22
N ALA A 77 7.58 21.57 34.98
CA ALA A 77 7.49 22.55 36.05
C ALA A 77 6.09 23.15 36.20
N TRP A 78 5.10 22.65 35.47
CA TRP A 78 3.75 23.14 35.56
C TRP A 78 3.05 22.51 36.78
N THR A 79 2.43 23.35 37.59
CA THR A 79 1.72 22.87 38.77
C THR A 79 0.27 23.33 38.72
N PRO A 80 -0.68 22.44 39.03
CA PRO A 80 -2.09 22.85 39.01
C PRO A 80 -2.38 23.87 40.10
N LYS A 81 -3.52 24.56 39.93
CA LYS A 81 -3.94 25.57 40.91
C LYS A 81 -4.41 24.93 42.20
N ASP A 82 -5.06 23.77 42.10
CA ASP A 82 -5.49 22.99 43.26
C ASP A 82 -4.64 21.72 43.29
N LYS A 83 -3.79 21.60 44.31
CA LYS A 83 -2.86 20.47 44.39
C LYS A 83 -3.47 19.24 45.05
N THR A 84 -4.68 19.35 45.59
CA THR A 84 -5.31 18.24 46.31
C THR A 84 -6.30 17.50 45.42
N ALA B 1 14.04 0.41 14.66
CA ALA B 1 12.67 0.35 14.14
C ALA B 1 12.12 1.75 13.92
N LYS B 2 12.30 2.26 12.69
CA LYS B 2 11.76 3.56 12.34
C LYS B 2 10.26 3.59 12.56
N ASP B 3 9.74 4.77 12.88
CA ASP B 3 8.30 4.95 12.99
C ASP B 3 7.66 4.71 11.62
N PRO B 4 6.39 4.28 11.61
CA PRO B 4 5.67 4.18 10.33
C PRO B 4 5.58 5.53 9.63
N SER B 5 5.41 5.48 8.32
CA SER B 5 5.28 6.72 7.55
C SER B 5 4.12 7.57 8.05
N TRP B 6 3.03 6.95 8.52
CA TRP B 6 1.88 7.73 8.97
C TRP B 6 2.19 8.55 10.22
N ALA B 7 3.25 8.20 10.96
CA ALA B 7 3.59 8.95 12.16
C ALA B 7 4.35 10.24 11.87
N SER B 8 4.85 10.43 10.65
CA SER B 8 5.61 11.64 10.31
C SER B 8 4.90 12.52 9.30
N ILE B 9 3.59 12.34 9.15
CA ILE B 9 2.77 13.18 8.28
CA ILE B 9 2.79 13.18 8.28
C ILE B 9 2.46 14.46 9.03
N LEU B 10 2.99 15.58 8.56
CA LEU B 10 2.81 16.88 9.18
C LEU B 10 2.15 17.81 8.18
N GLN B 11 1.24 18.65 8.67
CA GLN B 11 0.65 19.65 7.80
C GLN B 11 1.73 20.65 7.37
N GLY B 12 1.86 20.86 6.06
CA GLY B 12 2.74 21.90 5.58
C GLY B 12 2.32 23.27 6.08
N LEU B 13 3.31 24.15 6.20
CA LEU B 13 3.02 25.50 6.66
C LEU B 13 2.19 26.29 5.66
N GLU B 14 2.18 25.85 4.39
CA GLU B 14 1.37 26.46 3.34
C GLU B 14 0.33 25.46 2.81
N GLU B 15 0.09 24.39 3.51
CA GLU B 15 -0.78 23.32 3.02
C GLU B 15 -2.18 23.51 3.55
N PRO B 16 -3.21 23.52 2.70
CA PRO B 16 -4.57 23.58 3.23
C PRO B 16 -4.83 22.45 4.21
N TYR B 17 -5.55 22.79 5.28
CA TYR B 17 -5.82 21.80 6.32
C TYR B 17 -6.52 20.57 5.76
N HIS B 18 -7.54 20.78 4.93
CA HIS B 18 -8.29 19.64 4.42
C HIS B 18 -7.41 18.72 3.57
N THR B 19 -6.44 19.29 2.84
CA THR B 19 -5.52 18.45 2.07
C THR B 19 -4.67 17.59 2.98
N PHE B 20 -4.17 18.16 4.06
CA PHE B 20 -3.40 17.42 5.04
C PHE B 20 -4.24 16.30 5.64
N VAL B 21 -5.48 16.61 6.05
CA VAL B 21 -6.31 15.58 6.64
C VAL B 21 -6.57 14.44 5.65
N GLU B 22 -6.79 14.77 4.37
CA GLU B 22 -6.99 13.74 3.34
C GLU B 22 -5.75 12.86 3.23
N ARG B 23 -4.56 13.46 3.17
CA ARG B 23 -3.33 12.68 3.11
C ARG B 23 -3.18 11.76 4.31
N LEU B 24 -3.43 12.30 5.50
CA LEU B 24 -3.29 11.53 6.72
C LEU B 24 -4.30 10.39 6.76
N ASN B 25 -5.53 10.65 6.34
CA ASN B 25 -6.55 9.60 6.33
C ASN B 25 -6.08 8.41 5.48
N VAL B 26 -5.56 8.68 4.28
CA VAL B 26 -5.12 7.60 3.40
C VAL B 26 -3.95 6.85 4.03
N ALA B 27 -2.99 7.59 4.60
CA ALA B 27 -1.82 6.95 5.20
C ALA B 27 -2.22 6.01 6.33
N LEU B 28 -3.22 6.39 7.12
CA LEU B 28 -3.67 5.54 8.20
C LEU B 28 -4.51 4.38 7.69
N ASP B 29 -5.40 4.64 6.72
CA ASP B 29 -6.14 3.56 6.06
C ASP B 29 -5.17 2.47 5.60
N ASN B 30 -4.06 2.87 4.98
CA ASN B 30 -3.17 1.92 4.34
C ASN B 30 -2.12 1.35 5.29
N GLY B 31 -1.78 2.09 6.35
CA GLY B 31 -0.63 1.76 7.16
C GLY B 31 -0.91 1.28 8.58
N LEU B 32 -2.06 1.63 9.12
CA LEU B 32 -2.42 1.09 10.43
C LEU B 32 -2.69 -0.42 10.30
N PRO B 33 -2.27 -1.23 11.27
CA PRO B 33 -2.54 -2.66 11.20
C PRO B 33 -4.02 -2.96 11.09
N GLU B 34 -4.35 -4.14 10.53
CA GLU B 34 -5.74 -4.58 10.51
C GLU B 34 -6.32 -4.54 11.91
N GLY B 35 -7.59 -4.13 11.99
CA GLY B 35 -8.30 -4.17 13.26
C GLY B 35 -7.94 -3.09 14.24
N THR B 36 -7.17 -2.08 13.81
CA THR B 36 -6.93 -0.91 14.65
C THR B 36 -7.88 0.19 14.22
N PRO B 37 -8.66 0.78 15.13
CA PRO B 37 -9.66 1.78 14.71
C PRO B 37 -8.97 3.04 14.21
N LYS B 38 -9.27 3.43 12.97
CA LYS B 38 -8.63 4.60 12.38
C LYS B 38 -9.16 5.91 12.95
N ASP B 39 -10.47 6.01 13.13
CA ASP B 39 -11.10 7.31 13.38
C ASP B 39 -10.48 8.07 14.55
N PRO B 40 -10.34 7.49 15.75
CA PRO B 40 -9.78 8.26 16.86
C PRO B 40 -8.31 8.61 16.68
N ILE B 41 -7.54 7.77 15.99
CA ILE B 41 -6.15 8.08 15.73
C ILE B 41 -6.05 9.22 14.72
N LEU B 42 -6.86 9.17 13.67
CA LEU B 42 -6.91 10.26 12.70
C LEU B 42 -7.22 11.58 13.39
N ARG B 43 -8.24 11.58 14.25
CA ARG B 43 -8.62 12.83 14.88
C ARG B 43 -7.49 13.37 15.76
N SER B 44 -6.78 12.49 16.48
CA SER B 44 -5.70 12.97 17.33
C SER B 44 -4.55 13.53 16.49
N LEU B 45 -4.12 12.79 15.46
CA LEU B 45 -2.99 13.22 14.65
C LEU B 45 -3.33 14.45 13.82
N ALA B 46 -4.59 14.57 13.41
CA ALA B 46 -5.00 15.74 12.66
C ALA B 46 -4.98 17.02 13.49
N TYR B 47 -4.80 16.90 14.80
CA TYR B 47 -4.60 18.02 15.70
C TYR B 47 -3.13 18.15 16.08
N SER B 48 -2.51 17.06 16.58
CA SER B 48 -1.15 17.15 17.08
C SER B 48 -0.13 17.43 15.98
N ASN B 49 -0.40 17.00 14.75
CA ASN B 49 0.53 17.19 13.63
C ASN B 49 0.04 18.25 12.64
N ALA B 50 -1.01 18.97 12.99
CA ALA B 50 -1.40 20.15 12.24
C ALA B 50 -0.36 21.24 12.43
N ASN B 51 -0.36 22.23 11.54
CA ASN B 51 0.57 23.34 11.70
C ASN B 51 0.12 24.26 12.84
N LYS B 52 1.05 25.13 13.24
CA LYS B 52 0.82 25.92 14.44
CA LYS B 52 0.82 25.92 14.44
C LYS B 52 -0.43 26.79 14.31
N GLU B 53 -0.64 27.41 13.16
CA GLU B 53 -1.82 28.25 13.00
C GLU B 53 -3.11 27.44 13.11
N CYS B 54 -3.15 26.26 12.49
CA CYS B 54 -4.36 25.47 12.54
C CYS B 54 -4.56 24.82 13.92
N GLN B 55 -3.48 24.54 14.65
CA GLN B 55 -3.64 24.05 16.02
C GLN B 55 -4.38 25.07 16.88
N LYS B 56 -4.08 26.36 16.68
CA LYS B 56 -4.78 27.39 17.43
C LYS B 56 -6.26 27.40 17.07
N LEU B 57 -6.57 27.31 15.77
CA LEU B 57 -7.97 27.28 15.37
C LEU B 57 -8.67 26.04 15.90
N LEU B 58 -7.98 24.90 15.93
CA LEU B 58 -8.60 23.65 16.36
C LEU B 58 -8.93 23.66 17.85
N GLN B 59 -8.15 24.40 18.66
CA GLN B 59 -8.42 24.41 20.10
C GLN B 59 -9.80 24.97 20.41
N ALA B 60 -10.33 25.82 19.53
CA ALA B 60 -11.65 26.43 19.69
C ALA B 60 -12.70 25.81 18.76
N ARG B 61 -12.50 24.58 18.31
CA ARG B 61 -13.47 23.96 17.43
C ARG B 61 -14.73 23.53 18.19
N GLY B 62 -15.76 23.20 17.42
CA GLY B 62 -17.04 22.80 17.97
C GLY B 62 -17.06 21.41 18.56
N HIS B 63 -18.23 21.05 19.09
CA HIS B 63 -18.47 19.84 19.86
C HIS B 63 -19.75 19.17 19.36
N THR B 64 -19.72 18.64 18.14
CA THR B 64 -20.93 18.11 17.52
C THR B 64 -20.82 16.59 17.37
N ASN B 65 -21.83 16.00 16.75
CA ASN B 65 -21.80 14.56 16.44
C ASN B 65 -20.89 14.21 15.28
N SER B 66 -20.22 15.19 14.68
CA SER B 66 -19.28 14.99 13.58
C SER B 66 -17.94 15.56 14.01
N PRO B 67 -17.19 14.85 14.86
CA PRO B 67 -15.95 15.44 15.39
C PRO B 67 -14.88 15.70 14.33
N LEU B 68 -14.78 14.86 13.30
CA LEU B 68 -13.84 15.20 12.23
C LEU B 68 -14.31 16.43 11.47
N GLY B 69 -15.62 16.51 11.20
CA GLY B 69 -16.19 17.70 10.58
C GLY B 69 -15.92 18.96 11.38
N ASP B 70 -15.98 18.87 12.71
CA ASP B 70 -15.69 20.04 13.54
C ASP B 70 -14.26 20.54 13.29
N MET B 71 -13.31 19.64 13.05
CA MET B 71 -11.91 20.04 12.84
C MET B 71 -11.81 20.75 11.49
N LEU B 72 -12.39 20.15 10.44
CA LEU B 72 -12.35 20.80 9.13
C LEU B 72 -13.01 22.17 9.17
N ARG B 73 -14.17 22.28 9.84
CA ARG B 73 -14.88 23.54 9.89
C ARG B 73 -14.08 24.61 10.62
N ALA B 74 -13.34 24.22 11.67
CA ALA B 74 -12.59 25.19 12.44
C ALA B 74 -11.49 25.84 11.62
N CYS B 75 -11.00 25.15 10.59
CA CYS B 75 -9.94 25.67 9.74
C CYS B 75 -10.44 26.13 8.37
N GLN B 76 -11.76 26.16 8.15
CA GLN B 76 -12.29 26.39 6.81
C GLN B 76 -12.05 27.81 6.31
N ALA B 77 -11.80 28.76 7.20
CA ALA B 77 -11.50 30.13 6.80
C ALA B 77 -10.01 30.41 6.77
N TRP B 78 -9.18 29.48 7.23
CA TRP B 78 -7.73 29.68 7.22
C TRP B 78 -7.21 29.74 5.78
N THR B 79 -6.27 30.63 5.55
CA THR B 79 -5.69 30.82 4.22
C THR B 79 -4.16 30.80 4.35
N PRO B 80 -3.46 29.90 3.68
CA PRO B 80 -2.00 29.96 3.68
C PRO B 80 -1.51 31.30 3.15
N LYS B 81 -0.36 31.74 3.67
CA LYS B 81 0.25 32.97 3.19
C LYS B 81 0.56 32.88 1.70
N ASP B 82 1.10 31.74 1.26
CA ASP B 82 1.36 31.52 -0.15
C ASP B 82 0.36 30.50 -0.70
N ALA C 1 16.46 -6.75 -1.39
CA ALA C 1 16.53 -5.33 -1.71
C ALA C 1 15.12 -4.74 -1.75
N LYS C 2 14.61 -4.37 -0.58
CA LYS C 2 13.26 -3.84 -0.49
C LYS C 2 13.18 -2.47 -1.16
N ASP C 3 12.13 -2.27 -1.95
CA ASP C 3 11.95 -1.01 -2.63
C ASP C 3 11.70 0.11 -1.62
N PRO C 4 12.18 1.31 -1.90
CA PRO C 4 11.90 2.44 -0.99
C PRO C 4 10.40 2.72 -0.93
N SER C 5 9.97 3.30 0.19
CA SER C 5 8.56 3.60 0.36
CA SER C 5 8.56 3.60 0.36
C SER C 5 8.02 4.48 -0.75
N TRP C 6 8.85 5.39 -1.28
CA TRP C 6 8.36 6.27 -2.34
C TRP C 6 8.01 5.52 -3.63
N ALA C 7 8.57 4.35 -3.84
CA ALA C 7 8.32 3.61 -5.07
C ALA C 7 7.07 2.74 -5.00
N SER C 8 6.53 2.52 -3.79
CA SER C 8 5.43 1.60 -3.60
C SER C 8 4.12 2.29 -3.27
N ILE C 9 4.10 3.61 -3.16
CA ILE C 9 2.84 4.34 -3.00
C ILE C 9 1.90 3.98 -4.15
N LEU C 10 0.68 3.57 -3.82
CA LEU C 10 -0.26 3.02 -4.78
C LEU C 10 -1.58 3.75 -4.67
N GLN C 11 -2.10 4.22 -5.80
CA GLN C 11 -3.41 4.88 -5.78
C GLN C 11 -4.51 3.88 -5.44
N GLY C 12 -5.29 4.19 -4.42
CA GLY C 12 -6.45 3.38 -4.13
C GLY C 12 -7.52 3.47 -5.20
N LEU C 13 -8.37 2.43 -5.23
CA LEU C 13 -9.48 2.41 -6.17
C LEU C 13 -10.42 3.59 -5.96
N GLU C 14 -10.53 4.07 -4.72
CA GLU C 14 -11.43 5.16 -4.40
C GLU C 14 -10.68 6.41 -3.93
N GLU C 15 -9.39 6.52 -4.27
CA GLU C 15 -8.54 7.61 -3.81
C GLU C 15 -8.50 8.70 -4.87
N PRO C 16 -8.85 9.94 -4.55
CA PRO C 16 -8.72 11.02 -5.55
C PRO C 16 -7.30 11.10 -6.11
N TYR C 17 -7.22 11.34 -7.42
CA TYR C 17 -5.92 11.35 -8.09
C TYR C 17 -5.00 12.41 -7.48
N HIS C 18 -5.53 13.60 -7.22
CA HIS C 18 -4.71 14.67 -6.65
C HIS C 18 -4.09 14.23 -5.32
N THR C 19 -4.86 13.53 -4.49
CA THR C 19 -4.32 13.08 -3.20
C THR C 19 -3.20 12.07 -3.39
N PHE C 20 -3.35 11.16 -4.34
CA PHE C 20 -2.31 10.18 -4.64
C PHE C 20 -1.02 10.87 -5.08
N VAL C 21 -1.13 11.84 -5.98
CA VAL C 21 0.06 12.56 -6.44
C VAL C 21 0.70 13.32 -5.28
N GLU C 22 -0.12 13.93 -4.41
CA GLU C 22 0.42 14.61 -3.24
C GLU C 22 1.21 13.63 -2.37
N ARG C 23 0.69 12.42 -2.17
CA ARG C 23 1.38 11.44 -1.33
C ARG C 23 2.70 11.01 -1.95
N LEU C 24 2.71 10.81 -3.28
CA LEU C 24 3.96 10.49 -3.96
C LEU C 24 4.98 11.61 -3.79
N ASN C 25 4.53 12.85 -3.98
CA ASN C 25 5.45 13.98 -3.88
C ASN C 25 6.05 14.08 -2.49
N VAL C 26 5.22 13.89 -1.45
CA VAL C 26 5.75 13.94 -0.09
C VAL C 26 6.79 12.85 0.11
N ALA C 27 6.50 11.62 -0.34
CA ALA C 27 7.41 10.51 -0.12
C ALA C 27 8.71 10.72 -0.88
N LEU C 28 8.63 11.30 -2.07
CA LEU C 28 9.84 11.56 -2.83
C LEU C 28 10.67 12.67 -2.20
N ASP C 29 10.01 13.76 -1.76
CA ASP C 29 10.73 14.83 -1.06
C ASP C 29 11.46 14.27 0.14
N ASN C 30 10.82 13.35 0.87
CA ASN C 30 11.41 12.80 2.09
C ASN C 30 12.52 11.80 1.80
N GLY C 31 12.38 11.03 0.72
CA GLY C 31 13.21 9.83 0.57
C GLY C 31 14.13 9.76 -0.63
N LEU C 32 13.88 10.54 -1.68
CA LEU C 32 14.72 10.47 -2.88
C LEU C 32 16.06 11.12 -2.59
N PRO C 33 17.18 10.49 -2.94
CA PRO C 33 18.49 11.08 -2.61
C PRO C 33 18.67 12.45 -3.21
N GLU C 34 19.40 13.30 -2.49
CA GLU C 34 19.75 14.61 -3.01
C GLU C 34 20.56 14.43 -4.28
N GLY C 35 20.31 15.29 -5.27
CA GLY C 35 21.03 15.25 -6.52
C GLY C 35 20.35 14.45 -7.60
N THR C 36 19.28 13.75 -7.29
CA THR C 36 18.51 13.02 -8.30
C THR C 36 17.25 13.79 -8.62
N PRO C 37 16.98 14.09 -9.90
CA PRO C 37 15.81 14.92 -10.22
C PRO C 37 14.50 14.21 -9.89
N LYS C 38 13.67 14.88 -9.09
CA LYS C 38 12.41 14.31 -8.65
C LYS C 38 11.36 14.29 -9.75
N ASP C 39 11.26 15.36 -10.54
CA ASP C 39 10.09 15.55 -11.40
C ASP C 39 9.86 14.38 -12.37
N PRO C 40 10.85 13.89 -13.12
CA PRO C 40 10.56 12.78 -14.03
C PRO C 40 10.18 11.49 -13.31
N ILE C 41 10.70 11.28 -12.10
CA ILE C 41 10.36 10.10 -11.32
C ILE C 41 8.94 10.22 -10.79
N LEU C 42 8.59 11.39 -10.25
CA LEU C 42 7.20 11.62 -9.81
C LEU C 42 6.23 11.39 -10.96
N ARG C 43 6.51 11.94 -12.15
CA ARG C 43 5.59 11.79 -13.27
CA ARG C 43 5.58 11.79 -13.26
C ARG C 43 5.47 10.33 -13.68
N SER C 44 6.56 9.58 -13.65
CA SER C 44 6.47 8.17 -14.03
C SER C 44 5.64 7.39 -13.03
N LEU C 45 5.92 7.57 -11.74
CA LEU C 45 5.16 6.84 -10.72
C LEU C 45 3.69 7.25 -10.70
N ALA C 46 3.40 8.52 -11.00
CA ALA C 46 2.02 9.00 -11.05
C ALA C 46 1.22 8.35 -12.16
N TYR C 47 1.87 7.67 -13.11
CA TYR C 47 1.17 6.79 -14.05
C TYR C 47 1.27 5.32 -13.61
N SER C 48 2.49 4.82 -13.36
CA SER C 48 2.69 3.40 -13.17
CA SER C 48 2.68 3.40 -13.16
C SER C 48 1.95 2.87 -11.93
N ASN C 49 1.82 3.70 -10.91
CA ASN C 49 1.21 3.30 -9.64
C ASN C 49 -0.23 3.81 -9.51
N ALA C 50 -0.79 4.40 -10.56
CA ALA C 50 -2.16 4.90 -10.53
C ALA C 50 -3.15 3.75 -10.74
N ASN C 51 -4.40 3.99 -10.35
CA ASN C 51 -5.44 2.98 -10.53
C ASN C 51 -5.83 2.88 -12.01
N LYS C 52 -6.56 1.81 -12.33
CA LYS C 52 -6.87 1.50 -13.72
C LYS C 52 -7.65 2.63 -14.39
N GLU C 53 -8.64 3.16 -13.70
CA GLU C 53 -9.46 4.19 -14.33
C GLU C 53 -8.65 5.44 -14.62
N CYS C 54 -7.75 5.82 -13.70
CA CYS C 54 -6.94 7.00 -13.92
C CYS C 54 -5.86 6.75 -14.97
N GLN C 55 -5.34 5.52 -15.07
CA GLN C 55 -4.40 5.21 -16.15
C GLN C 55 -5.04 5.45 -17.51
N LYS C 56 -6.29 5.03 -17.68
CA LYS C 56 -6.95 5.24 -18.98
C LYS C 56 -7.09 6.74 -19.25
N LEU C 57 -7.46 7.52 -18.24
CA LEU C 57 -7.58 8.96 -18.44
C LEU C 57 -6.22 9.58 -18.74
N LEU C 58 -5.16 9.09 -18.09
CA LEU C 58 -3.83 9.64 -18.30
C LEU C 58 -3.30 9.37 -19.69
N GLN C 59 -3.70 8.24 -20.29
CA GLN C 59 -3.27 7.96 -21.66
C GLN C 59 -3.76 9.01 -22.67
N ALA C 60 -4.79 9.77 -22.32
CA ALA C 60 -5.35 10.81 -23.18
C ALA C 60 -4.91 12.21 -22.76
N ARG C 61 -3.91 12.34 -21.88
CA ARG C 61 -3.55 13.65 -21.38
C ARG C 61 -2.82 14.49 -22.43
N GLY C 62 -2.71 15.79 -22.14
CA GLY C 62 -2.10 16.74 -23.03
C GLY C 62 -0.58 16.74 -22.98
N HIS C 63 0.00 17.68 -23.76
CA HIS C 63 1.43 17.76 -24.01
C HIS C 63 1.88 19.23 -23.90
N THR C 64 1.85 19.77 -22.68
CA THR C 64 2.16 21.19 -22.51
C THR C 64 3.50 21.36 -21.81
N ASN C 65 3.83 22.62 -21.49
CA ASN C 65 5.05 22.89 -20.73
C ASN C 65 4.90 22.62 -19.24
N SER C 66 3.73 22.14 -18.80
CA SER C 66 3.49 21.74 -17.42
C SER C 66 3.07 20.27 -17.40
N PRO C 67 4.03 19.35 -17.57
CA PRO C 67 3.65 17.93 -17.70
C PRO C 67 2.97 17.35 -16.47
N LEU C 68 3.35 17.77 -15.26
CA LEU C 68 2.63 17.25 -14.09
C LEU C 68 1.21 17.78 -14.07
N GLY C 69 1.03 19.06 -14.40
CA GLY C 69 -0.30 19.62 -14.53
C GLY C 69 -1.14 18.89 -15.55
N ASP C 70 -0.52 18.44 -16.65
CA ASP C 70 -1.25 17.68 -17.66
C ASP C 70 -1.83 16.40 -17.06
N MET C 71 -1.07 15.76 -16.17
CA MET C 71 -1.56 14.55 -15.55
C MET C 71 -2.72 14.85 -14.60
N LEU C 72 -2.58 15.88 -13.76
CA LEU C 72 -3.66 16.26 -12.85
C LEU C 72 -4.91 16.63 -13.65
N ARG C 73 -4.76 17.41 -14.72
CA ARG C 73 -5.91 17.86 -15.50
C ARG C 73 -6.64 16.68 -16.12
N ALA C 74 -5.90 15.66 -16.57
CA ALA C 74 -6.52 14.54 -17.24
C ALA C 74 -7.43 13.75 -16.31
N CYS C 75 -7.20 13.82 -15.01
CA CYS C 75 -7.98 13.07 -14.04
C CYS C 75 -8.89 13.95 -13.20
N GLN C 76 -8.99 15.24 -13.53
CA GLN C 76 -9.70 16.17 -12.65
C GLN C 76 -11.21 15.98 -12.68
N ALA C 77 -11.74 15.34 -13.72
CA ALA C 77 -13.17 15.06 -13.79
C ALA C 77 -13.53 13.66 -13.31
N TRP C 78 -12.54 12.88 -12.84
CA TRP C 78 -12.79 11.55 -12.30
C TRP C 78 -13.15 11.67 -10.82
N THR C 79 -14.22 10.99 -10.43
CA THR C 79 -14.69 11.00 -9.05
C THR C 79 -14.77 9.57 -8.53
N PRO C 80 -14.19 9.27 -7.38
CA PRO C 80 -14.35 7.92 -6.80
C PRO C 80 -15.81 7.56 -6.65
N LYS C 81 -16.09 6.26 -6.81
CA LYS C 81 -17.47 5.78 -6.64
C LYS C 81 -17.95 5.97 -5.21
N ASP C 82 -17.08 5.72 -4.24
CA ASP C 82 -17.43 5.84 -2.83
C ASP C 82 -16.39 6.67 -2.10
N ALA D 1 16.90 21.70 -14.93
CA ALA D 1 15.68 22.10 -15.63
C ALA D 1 15.29 21.04 -16.66
N LYS D 2 16.07 20.95 -17.74
CA LYS D 2 15.82 19.96 -18.77
C LYS D 2 15.84 18.56 -18.15
N ASP D 3 14.85 17.75 -18.52
CA ASP D 3 14.78 16.39 -17.98
C ASP D 3 15.95 15.56 -18.52
N PRO D 4 16.45 14.62 -17.72
CA PRO D 4 17.55 13.78 -18.20
C PRO D 4 17.12 12.92 -19.38
N SER D 5 18.11 12.53 -20.19
CA SER D 5 17.80 11.71 -21.36
C SER D 5 17.17 10.38 -20.97
N TRP D 6 17.51 9.83 -19.80
CA TRP D 6 16.91 8.56 -19.40
C TRP D 6 15.41 8.68 -19.19
N ALA D 7 14.85 9.88 -19.13
CA ALA D 7 13.42 10.10 -18.97
C ALA D 7 12.71 10.38 -20.29
N SER D 8 13.41 10.35 -21.42
CA SER D 8 12.82 10.62 -22.73
C SER D 8 12.77 9.35 -23.59
N ILE D 9 12.95 8.19 -22.98
CA ILE D 9 13.01 6.92 -23.71
C ILE D 9 11.62 6.30 -23.71
N LEU D 10 11.03 6.17 -24.88
CA LEU D 10 9.66 5.70 -25.04
C LEU D 10 9.64 4.56 -26.03
N GLN D 11 8.84 3.55 -25.71
CA GLN D 11 8.72 2.40 -26.60
C GLN D 11 8.07 2.80 -27.91
N GLY D 12 8.71 2.43 -29.03
CA GLY D 12 8.12 2.67 -30.33
C GLY D 12 6.92 1.78 -30.57
N LEU D 13 6.13 2.15 -31.58
CA LEU D 13 4.87 1.46 -31.83
C LEU D 13 5.09 -0.01 -32.19
N GLU D 14 6.22 -0.33 -32.82
CA GLU D 14 6.52 -1.70 -33.20
C GLU D 14 7.83 -2.20 -32.58
N GLU D 15 8.31 -1.54 -31.55
CA GLU D 15 9.57 -1.91 -30.91
C GLU D 15 9.35 -3.06 -29.93
N PRO D 16 10.10 -4.15 -30.04
CA PRO D 16 9.97 -5.23 -29.05
C PRO D 16 10.14 -4.70 -27.63
N TYR D 17 9.30 -5.21 -26.72
CA TYR D 17 9.32 -4.69 -25.37
C TYR D 17 10.67 -4.90 -24.70
N HIS D 18 11.29 -6.06 -24.89
CA HIS D 18 12.56 -6.32 -24.22
C HIS D 18 13.65 -5.35 -24.68
N THR D 19 13.61 -4.91 -25.94
CA THR D 19 14.59 -3.95 -26.42
C THR D 19 14.36 -2.59 -25.79
N PHE D 20 13.10 -2.18 -25.66
CA PHE D 20 12.77 -0.95 -24.95
C PHE D 20 13.31 -0.99 -23.52
N VAL D 21 13.06 -2.11 -22.80
CA VAL D 21 13.56 -2.22 -21.43
C VAL D 21 15.08 -2.15 -21.43
N GLU D 22 15.72 -2.81 -22.40
CA GLU D 22 17.18 -2.74 -22.52
C GLU D 22 17.64 -1.30 -22.72
N ARG D 23 16.94 -0.52 -23.57
CA ARG D 23 17.31 0.88 -23.78
C ARG D 23 17.20 1.67 -22.48
N LEU D 24 16.12 1.46 -21.71
CA LEU D 24 15.99 2.14 -20.43
C LEU D 24 17.12 1.74 -19.51
N ASN D 25 17.43 0.44 -19.46
CA ASN D 25 18.46 -0.05 -18.55
C ASN D 25 19.81 0.60 -18.86
N VAL D 26 20.19 0.64 -20.13
CA VAL D 26 21.47 1.24 -20.50
C VAL D 26 21.48 2.73 -20.15
N ALA D 27 20.37 3.43 -20.40
CA ALA D 27 20.31 4.85 -20.12
C ALA D 27 20.39 5.14 -18.61
N LEU D 28 19.72 4.32 -17.80
CA LEU D 28 19.75 4.55 -16.36
C LEU D 28 21.13 4.20 -15.79
N ASP D 29 21.72 3.09 -16.24
CA ASP D 29 23.05 2.74 -15.76
C ASP D 29 24.04 3.87 -16.08
N ASN D 30 23.89 4.52 -17.22
CA ASN D 30 24.80 5.57 -17.65
C ASN D 30 24.48 6.93 -17.07
N GLY D 31 23.23 7.17 -16.66
CA GLY D 31 22.80 8.51 -16.32
C GLY D 31 22.25 8.70 -14.92
N LEU D 32 21.74 7.65 -14.30
CA LEU D 32 21.20 7.77 -12.94
C LEU D 32 22.36 7.92 -11.96
N PRO D 33 22.32 8.91 -11.06
CA PRO D 33 23.42 9.04 -10.10
C PRO D 33 23.64 7.76 -9.30
N GLU D 34 24.90 7.50 -8.98
CA GLU D 34 25.23 6.38 -8.10
C GLU D 34 24.54 6.60 -6.76
N GLY D 35 24.06 5.49 -6.17
CA GLY D 35 23.39 5.55 -4.88
C GLY D 35 21.89 5.71 -4.95
N THR D 36 21.34 5.97 -6.12
CA THR D 36 19.89 5.99 -6.29
C THR D 36 19.44 4.65 -6.86
N PRO D 37 18.49 3.97 -6.22
CA PRO D 37 18.16 2.61 -6.67
C PRO D 37 17.57 2.60 -8.06
N LYS D 38 18.25 1.90 -8.98
CA LYS D 38 17.81 1.89 -10.37
C LYS D 38 16.55 1.06 -10.54
N ASP D 39 16.49 -0.11 -9.92
CA ASP D 39 15.43 -1.06 -10.26
C ASP D 39 14.02 -0.49 -10.11
N PRO D 40 13.65 0.17 -9.02
CA PRO D 40 12.27 0.68 -8.96
C PRO D 40 11.98 1.76 -9.99
N ILE D 41 12.98 2.55 -10.35
CA ILE D 41 12.81 3.57 -11.38
C ILE D 41 12.68 2.94 -12.76
N LEU D 42 13.53 1.96 -13.06
CA LEU D 42 13.42 1.21 -14.31
C LEU D 42 12.02 0.60 -14.45
N ARG D 43 11.53 -0.06 -13.39
CA ARG D 43 10.23 -0.72 -13.49
CA ARG D 43 10.23 -0.72 -13.50
C ARG D 43 9.11 0.29 -13.70
N SER D 44 9.21 1.45 -13.07
CA SER D 44 8.16 2.47 -13.27
C SER D 44 8.19 3.00 -14.70
N LEU D 45 9.38 3.32 -15.22
CA LEU D 45 9.48 3.84 -16.57
C LEU D 45 9.12 2.80 -17.61
N ALA D 46 9.41 1.52 -17.32
CA ALA D 46 9.09 0.44 -18.24
C ALA D 46 7.60 0.22 -18.39
N TYR D 47 6.82 0.87 -17.53
CA TYR D 47 5.36 0.89 -17.65
C TYR D 47 4.88 2.22 -18.18
N SER D 48 5.28 3.33 -17.56
CA SER D 48 4.74 4.62 -17.96
CA SER D 48 4.74 4.62 -17.96
C SER D 48 5.15 5.02 -19.36
N ASN D 49 6.29 4.56 -19.85
CA ASN D 49 6.80 4.92 -21.17
C ASN D 49 6.64 3.81 -22.19
N ALA D 50 5.97 2.72 -21.82
CA ALA D 50 5.64 1.66 -22.76
C ALA D 50 4.52 2.11 -23.70
N ASN D 51 4.42 1.42 -24.84
CA ASN D 51 3.34 1.71 -25.79
C ASN D 51 2.01 1.21 -25.25
N LYS D 52 0.94 1.66 -25.90
CA LYS D 52 -0.40 1.38 -25.39
C LYS D 52 -0.68 -0.12 -25.33
N GLU D 53 -0.30 -0.87 -26.37
CA GLU D 53 -0.56 -2.30 -26.36
C GLU D 53 0.16 -2.99 -25.20
N CYS D 54 1.41 -2.61 -24.94
CA CYS D 54 2.15 -3.25 -23.86
C CYS D 54 1.65 -2.77 -22.51
N GLN D 55 1.20 -1.50 -22.41
CA GLN D 55 0.63 -1.05 -21.13
C GLN D 55 -0.56 -1.92 -20.73
N LYS D 56 -1.39 -2.30 -21.69
CA LYS D 56 -2.55 -3.12 -21.37
C LYS D 56 -2.12 -4.50 -20.88
N LEU D 57 -1.10 -5.09 -21.52
CA LEU D 57 -0.59 -6.37 -21.07
C LEU D 57 0.04 -6.25 -19.69
N LEU D 58 0.75 -5.15 -19.43
CA LEU D 58 1.40 -4.98 -18.14
C LEU D 58 0.39 -4.82 -17.02
N GLN D 59 -0.77 -4.25 -17.32
CA GLN D 59 -1.79 -4.05 -16.31
C GLN D 59 -2.19 -5.35 -15.64
N ALA D 60 -2.08 -6.47 -16.37
CA ALA D 60 -2.51 -7.78 -15.88
C ALA D 60 -1.33 -8.70 -15.61
N ARG D 61 -0.14 -8.14 -15.41
CA ARG D 61 1.06 -8.93 -15.23
C ARG D 61 1.06 -9.61 -13.86
N GLY D 62 1.97 -10.57 -13.71
CA GLY D 62 2.03 -11.37 -12.51
C GLY D 62 2.73 -10.68 -11.34
N HIS D 63 2.87 -11.45 -10.25
CA HIS D 63 3.38 -10.97 -8.96
C HIS D 63 4.39 -11.97 -8.39
N THR D 64 5.62 -11.92 -8.88
CA THR D 64 6.65 -12.83 -8.40
C THR D 64 7.78 -12.05 -7.71
N ASN D 65 8.79 -12.78 -7.26
CA ASN D 65 9.96 -12.10 -6.68
C ASN D 65 10.88 -11.50 -7.73
N SER D 66 10.50 -11.53 -9.02
CA SER D 66 11.24 -10.90 -10.11
C SER D 66 10.30 -9.92 -10.79
N PRO D 67 10.03 -8.76 -10.18
CA PRO D 67 9.05 -7.84 -10.77
C PRO D 67 9.41 -7.33 -12.17
N LEU D 68 10.70 -7.17 -12.49
CA LEU D 68 11.02 -6.80 -13.87
C LEU D 68 10.75 -7.97 -14.80
N GLY D 69 11.11 -9.18 -14.40
CA GLY D 69 10.75 -10.35 -15.18
C GLY D 69 9.25 -10.46 -15.43
N ASP D 70 8.45 -10.06 -14.45
CA ASP D 70 7.01 -10.11 -14.64
C ASP D 70 6.59 -9.19 -15.77
N MET D 71 7.26 -8.05 -15.91
CA MET D 71 6.93 -7.13 -16.98
C MET D 71 7.36 -7.69 -18.33
N LEU D 72 8.61 -8.18 -18.42
CA LEU D 72 9.08 -8.79 -19.67
C LEU D 72 8.20 -9.95 -20.11
N ARG D 73 7.79 -10.81 -19.16
CA ARG D 73 6.96 -11.95 -19.53
C ARG D 73 5.56 -11.54 -19.98
N ALA D 74 5.00 -10.49 -19.38
CA ALA D 74 3.67 -10.06 -19.78
C ALA D 74 3.64 -9.62 -21.23
N CYS D 75 4.76 -9.12 -21.75
CA CYS D 75 4.83 -8.61 -23.11
C CYS D 75 5.63 -9.51 -24.05
N GLN D 76 6.05 -10.69 -23.59
CA GLN D 76 6.94 -11.53 -24.39
C GLN D 76 6.28 -12.07 -25.64
N ALA D 77 4.94 -12.16 -25.66
CA ALA D 77 4.23 -12.70 -26.81
C ALA D 77 3.60 -11.64 -27.70
N TRP D 78 3.63 -10.37 -27.30
CA TRP D 78 3.10 -9.31 -28.15
C TRP D 78 3.96 -9.20 -29.39
N THR D 79 3.30 -9.19 -30.56
CA THR D 79 4.00 -9.27 -31.83
C THR D 79 4.34 -7.87 -32.31
N PRO D 80 5.63 -7.48 -32.36
CA PRO D 80 5.98 -6.16 -32.89
C PRO D 80 6.01 -6.14 -34.42
N ALA E 1 16.39 -16.02 -3.89
CA ALA E 1 16.37 -17.00 -4.97
C ALA E 1 15.21 -16.73 -5.93
N LYS E 2 15.52 -16.70 -7.22
CA LYS E 2 14.50 -16.42 -8.22
C LYS E 2 13.43 -17.50 -8.21
N ASP E 3 12.17 -17.09 -8.41
CA ASP E 3 11.06 -18.00 -8.37
C ASP E 3 11.09 -18.96 -9.56
N PRO E 4 10.58 -20.18 -9.38
CA PRO E 4 10.52 -21.12 -10.50
C PRO E 4 9.60 -20.61 -11.62
N SER E 5 9.80 -21.18 -12.81
CA SER E 5 9.00 -20.75 -13.95
C SER E 5 7.50 -20.89 -13.71
N TRP E 6 7.06 -21.92 -12.99
CA TRP E 6 5.63 -22.13 -12.83
C TRP E 6 4.95 -20.95 -12.14
N ALA E 7 5.69 -20.19 -11.32
CA ALA E 7 5.10 -19.06 -10.62
C ALA E 7 4.66 -17.93 -11.56
N SER E 8 5.16 -17.93 -12.79
CA SER E 8 4.81 -16.88 -13.74
C SER E 8 3.93 -17.40 -14.86
N ILE E 9 3.44 -18.63 -14.76
CA ILE E 9 2.49 -19.17 -15.73
C ILE E 9 1.13 -18.56 -15.41
N LEU E 10 0.66 -17.66 -16.28
CA LEU E 10 -0.49 -16.83 -16.00
C LEU E 10 -1.48 -16.90 -17.15
N GLN E 11 -2.75 -17.00 -16.80
CA GLN E 11 -3.79 -17.09 -17.82
C GLN E 11 -3.88 -15.80 -18.60
N GLY E 12 -3.78 -15.90 -19.93
CA GLY E 12 -3.95 -14.74 -20.76
C GLY E 12 -5.39 -14.26 -20.79
N LEU E 13 -5.56 -13.01 -21.24
CA LEU E 13 -6.90 -12.43 -21.29
C LEU E 13 -7.83 -13.24 -22.18
N GLU E 14 -7.31 -13.85 -23.24
CA GLU E 14 -8.11 -14.62 -24.19
C GLU E 14 -7.74 -16.10 -24.20
N GLU E 15 -7.06 -16.58 -23.18
CA GLU E 15 -6.62 -17.99 -23.15
C GLU E 15 -7.70 -18.84 -22.51
N PRO E 16 -8.19 -19.88 -23.18
CA PRO E 16 -9.16 -20.77 -22.52
C PRO E 16 -8.63 -21.31 -21.21
N TYR E 17 -9.52 -21.43 -20.23
CA TYR E 17 -9.09 -21.84 -18.89
C TYR E 17 -8.40 -23.21 -18.92
N HIS E 18 -8.97 -24.17 -19.63
CA HIS E 18 -8.39 -25.51 -19.66
C HIS E 18 -6.98 -25.49 -20.24
N THR E 19 -6.74 -24.62 -21.22
CA THR E 19 -5.41 -24.51 -21.82
C THR E 19 -4.40 -23.96 -20.83
N PHE E 20 -4.81 -22.95 -20.06
CA PHE E 20 -3.99 -22.40 -18.99
C PHE E 20 -3.67 -23.44 -17.94
N VAL E 21 -4.69 -24.18 -17.49
CA VAL E 21 -4.44 -25.18 -16.45
C VAL E 21 -3.45 -26.24 -16.96
N GLU E 22 -3.56 -26.62 -18.23
CA GLU E 22 -2.63 -27.60 -18.77
C GLU E 22 -1.20 -27.07 -18.77
N ARG E 23 -1.02 -25.77 -19.04
CA ARG E 23 0.32 -25.21 -19.00
C ARG E 23 0.88 -25.26 -17.59
N LEU E 24 0.04 -24.94 -16.57
CA LEU E 24 0.47 -25.07 -15.18
C LEU E 24 0.86 -26.51 -14.88
N ASN E 25 0.03 -27.45 -15.34
CA ASN E 25 0.25 -28.87 -15.09
C ASN E 25 1.63 -29.29 -15.56
N VAL E 26 1.98 -28.96 -16.81
CA VAL E 26 3.29 -29.36 -17.33
C VAL E 26 4.42 -28.52 -16.72
N ALA E 27 4.19 -27.24 -16.40
CA ALA E 27 5.25 -26.46 -15.78
C ALA E 27 5.61 -26.98 -14.40
N LEU E 28 4.62 -27.50 -13.66
CA LEU E 28 4.93 -28.07 -12.34
C LEU E 28 5.71 -29.38 -12.46
N ASP E 29 5.58 -30.09 -13.57
CA ASP E 29 6.49 -31.20 -13.82
C ASP E 29 7.91 -30.69 -13.99
N ASN E 30 8.07 -29.51 -14.59
CA ASN E 30 9.40 -28.99 -14.90
C ASN E 30 10.17 -28.63 -13.63
N GLY E 31 9.52 -27.93 -12.69
CA GLY E 31 10.29 -27.27 -11.65
C GLY E 31 9.98 -27.57 -10.20
N LEU E 32 9.00 -28.43 -9.91
CA LEU E 32 8.64 -28.69 -8.51
C LEU E 32 9.59 -29.71 -7.91
N PRO E 33 10.37 -29.35 -6.87
CA PRO E 33 11.38 -30.29 -6.37
C PRO E 33 10.80 -31.51 -5.66
N GLU E 34 11.68 -32.43 -5.29
CA GLU E 34 11.26 -33.70 -4.73
C GLU E 34 10.59 -33.51 -3.38
N GLY E 35 9.49 -34.24 -3.17
CA GLY E 35 8.83 -34.27 -1.89
C GLY E 35 7.66 -33.32 -1.78
N THR E 36 7.45 -32.46 -2.77
CA THR E 36 6.33 -31.54 -2.76
C THR E 36 5.28 -32.02 -3.75
N PRO E 37 4.06 -32.32 -3.29
CA PRO E 37 3.06 -32.87 -4.21
C PRO E 37 2.52 -31.83 -5.18
N LYS E 38 2.36 -32.25 -6.43
CA LYS E 38 1.97 -31.32 -7.47
C LYS E 38 0.51 -30.91 -7.34
N ASP E 39 -0.39 -31.87 -7.06
CA ASP E 39 -1.82 -31.61 -7.21
C ASP E 39 -2.32 -30.46 -6.36
N PRO E 40 -2.00 -30.37 -5.07
CA PRO E 40 -2.50 -29.22 -4.29
C PRO E 40 -1.96 -27.90 -4.78
N ILE E 41 -0.72 -27.87 -5.27
CA ILE E 41 -0.14 -26.63 -5.78
C ILE E 41 -0.79 -26.27 -7.09
N LEU E 42 -1.01 -27.25 -7.96
CA LEU E 42 -1.73 -26.99 -9.20
C LEU E 42 -3.10 -26.35 -8.93
N ARG E 43 -3.87 -26.90 -8.00
CA ARG E 43 -5.20 -26.34 -7.74
C ARG E 43 -5.09 -24.92 -7.21
N SER E 44 -4.10 -24.64 -6.39
CA SER E 44 -3.95 -23.28 -5.87
C SER E 44 -3.59 -22.30 -6.98
N LEU E 45 -2.57 -22.63 -7.78
CA LEU E 45 -2.15 -21.74 -8.87
C LEU E 45 -3.23 -21.57 -9.92
N ALA E 46 -4.06 -22.60 -10.15
CA ALA E 46 -5.13 -22.51 -11.12
C ALA E 46 -6.17 -21.48 -10.73
N TYR E 47 -6.15 -21.03 -9.47
CA TYR E 47 -6.95 -19.89 -9.05
CA TYR E 47 -6.94 -19.91 -9.04
C TYR E 47 -6.11 -18.62 -9.01
N SER E 48 -4.99 -18.66 -8.31
CA SER E 48 -4.22 -17.44 -8.06
CA SER E 48 -4.22 -17.44 -8.06
C SER E 48 -3.65 -16.83 -9.33
N ASN E 49 -3.34 -17.66 -10.33
CA ASN E 49 -2.77 -17.20 -11.59
C ASN E 49 -3.79 -17.11 -12.72
N ALA E 50 -5.08 -17.35 -12.43
CA ALA E 50 -6.11 -17.22 -13.44
C ALA E 50 -6.41 -15.74 -13.70
N ASN E 51 -7.03 -15.47 -14.86
CA ASN E 51 -7.42 -14.10 -15.20
C ASN E 51 -8.62 -13.66 -14.35
N LYS E 52 -8.91 -12.37 -14.40
CA LYS E 52 -9.92 -11.78 -13.51
C LYS E 52 -11.28 -12.42 -13.73
N GLU E 53 -11.67 -12.60 -14.99
CA GLU E 53 -13.00 -13.16 -15.26
C GLU E 53 -13.11 -14.60 -14.77
N CYS E 54 -12.05 -15.39 -14.94
CA CYS E 54 -12.10 -16.77 -14.46
C CYS E 54 -12.00 -16.85 -12.94
N GLN E 55 -11.28 -15.93 -12.28
CA GLN E 55 -11.29 -15.93 -10.82
C GLN E 55 -12.71 -15.73 -10.28
N LYS E 56 -13.49 -14.84 -10.89
CA LYS E 56 -14.85 -14.61 -10.43
C LYS E 56 -15.68 -15.88 -10.54
N LEU E 57 -15.52 -16.61 -11.65
CA LEU E 57 -16.23 -17.87 -11.82
C LEU E 57 -15.76 -18.91 -10.81
N LEU E 58 -14.46 -18.99 -10.59
CA LEU E 58 -13.94 -20.01 -9.67
C LEU E 58 -14.43 -19.77 -8.24
N GLN E 59 -14.64 -18.52 -7.86
CA GLN E 59 -15.15 -18.23 -6.52
C GLN E 59 -16.49 -18.90 -6.28
N ALA E 60 -17.26 -19.14 -7.34
CA ALA E 60 -18.58 -19.73 -7.25
C ALA E 60 -18.63 -21.19 -7.65
N ARG E 61 -17.48 -21.85 -7.76
CA ARG E 61 -17.44 -23.24 -8.20
C ARG E 61 -18.04 -24.18 -7.15
N GLY E 62 -18.44 -25.37 -7.62
CA GLY E 62 -19.07 -26.37 -6.79
C GLY E 62 -18.07 -27.26 -6.07
N HIS E 63 -18.59 -28.36 -5.50
CA HIS E 63 -17.89 -29.18 -4.52
C HIS E 63 -18.16 -30.66 -4.78
N THR E 64 -17.17 -31.35 -5.35
CA THR E 64 -17.26 -32.79 -5.55
C THR E 64 -15.97 -33.47 -5.07
N ASN E 65 -15.85 -34.77 -5.30
CA ASN E 65 -14.60 -35.47 -5.01
C ASN E 65 -13.52 -35.25 -6.05
N SER E 66 -13.74 -34.38 -7.04
CA SER E 66 -12.79 -34.06 -8.11
C SER E 66 -12.55 -32.56 -8.09
N PRO E 67 -11.76 -32.05 -7.12
CA PRO E 67 -11.66 -30.60 -6.96
C PRO E 67 -11.05 -29.87 -8.16
N LEU E 68 -10.04 -30.44 -8.83
CA LEU E 68 -9.57 -29.77 -10.05
C LEU E 68 -10.66 -29.75 -11.11
N GLY E 69 -11.38 -30.86 -11.26
CA GLY E 69 -12.50 -30.90 -12.19
C GLY E 69 -13.55 -29.86 -11.89
N ASP E 70 -13.78 -29.54 -10.60
CA ASP E 70 -14.73 -28.48 -10.25
C ASP E 70 -14.27 -27.13 -10.78
N MET E 71 -12.96 -26.87 -10.76
CA MET E 71 -12.42 -25.61 -11.27
C MET E 71 -12.63 -25.54 -12.78
N LEU E 72 -12.29 -26.62 -13.47
CA LEU E 72 -12.49 -26.65 -14.92
C LEU E 72 -13.96 -26.51 -15.28
N ARG E 73 -14.85 -27.15 -14.52
CA ARG E 73 -16.28 -27.03 -14.79
C ARG E 73 -16.76 -25.59 -14.61
N ALA E 74 -16.24 -24.89 -13.62
CA ALA E 74 -16.71 -23.54 -13.35
C ALA E 74 -16.39 -22.60 -14.49
N CYS E 75 -15.30 -22.85 -15.22
CA CYS E 75 -14.85 -21.96 -16.26
C CYS E 75 -15.08 -22.52 -17.67
N GLN E 76 -15.76 -23.66 -17.79
CA GLN E 76 -15.87 -24.31 -19.10
C GLN E 76 -16.56 -23.44 -20.13
N ALA E 77 -17.55 -22.65 -19.72
CA ALA E 77 -18.32 -21.85 -20.65
C ALA E 77 -17.71 -20.48 -20.90
N TRP E 78 -16.66 -20.11 -20.20
CA TRP E 78 -16.07 -18.79 -20.38
C TRP E 78 -15.36 -18.75 -21.74
N THR E 79 -15.68 -17.73 -22.54
CA THR E 79 -15.13 -17.60 -23.87
C THR E 79 -14.27 -16.35 -23.97
N PRO E 80 -13.04 -16.46 -24.52
CA PRO E 80 -12.17 -15.29 -24.72
C PRO E 80 -12.89 -14.10 -25.35
N ALA F 1 -7.46 -39.23 -1.76
CA ALA F 1 -6.11 -38.70 -1.65
C ALA F 1 -6.10 -37.49 -0.71
N LYS F 2 -5.86 -37.75 0.57
CA LYS F 2 -5.90 -36.69 1.57
C LYS F 2 -4.87 -35.60 1.24
N ASP F 3 -5.36 -34.38 1.09
CA ASP F 3 -4.44 -33.27 0.85
C ASP F 3 -3.63 -32.99 2.11
N PRO F 4 -2.38 -32.55 1.98
CA PRO F 4 -1.62 -32.14 3.17
C PRO F 4 -2.30 -30.98 3.86
N SER F 5 -2.11 -30.90 5.18
CA SER F 5 -2.82 -29.91 5.97
C SER F 5 -2.57 -28.49 5.46
N TRP F 6 -1.36 -28.20 4.98
CA TRP F 6 -1.06 -26.85 4.56
C TRP F 6 -1.91 -26.42 3.38
N ALA F 7 -2.40 -27.38 2.58
CA ALA F 7 -3.17 -27.04 1.39
C ALA F 7 -4.62 -26.72 1.71
N SER F 8 -5.11 -27.12 2.89
CA SER F 8 -6.51 -26.93 3.24
CA SER F 8 -6.51 -26.94 3.25
C SER F 8 -6.73 -25.77 4.21
N ILE F 9 -5.69 -25.05 4.58
CA ILE F 9 -5.83 -23.89 5.46
C ILE F 9 -6.64 -22.82 4.74
N LEU F 10 -7.72 -22.36 5.38
CA LEU F 10 -8.68 -21.46 4.76
C LEU F 10 -8.88 -20.26 5.68
N GLN F 11 -8.83 -19.07 5.12
CA GLN F 11 -9.03 -17.87 5.92
C GLN F 11 -10.48 -17.79 6.37
N GLY F 12 -10.67 -17.62 7.67
CA GLY F 12 -12.01 -17.45 8.20
C GLY F 12 -12.64 -16.14 7.77
N LEU F 13 -13.97 -16.12 7.89
CA LEU F 13 -14.73 -14.94 7.48
C LEU F 13 -14.30 -13.71 8.26
N GLU F 14 -13.95 -13.90 9.54
CA GLU F 14 -13.56 -12.78 10.40
C GLU F 14 -12.09 -12.87 10.84
N GLU F 15 -11.30 -13.75 10.22
CA GLU F 15 -9.91 -13.96 10.64
C GLU F 15 -9.01 -12.92 10.00
N PRO F 16 -8.19 -12.21 10.78
CA PRO F 16 -7.26 -11.24 10.18
C PRO F 16 -6.37 -11.88 9.12
N TYR F 17 -6.12 -11.14 8.05
CA TYR F 17 -5.34 -11.69 6.96
C TYR F 17 -3.94 -12.10 7.43
N HIS F 18 -3.28 -11.25 8.22
CA HIS F 18 -1.91 -11.59 8.61
C HIS F 18 -1.87 -12.86 9.45
N THR F 19 -2.91 -13.13 10.24
CA THR F 19 -2.92 -14.35 11.03
C THR F 19 -3.08 -15.57 10.14
N PHE F 20 -3.96 -15.47 9.15
CA PHE F 20 -4.12 -16.53 8.14
C PHE F 20 -2.80 -16.81 7.45
N VAL F 21 -2.07 -15.75 7.07
CA VAL F 21 -0.79 -15.97 6.40
C VAL F 21 0.20 -16.64 7.35
N GLU F 22 0.16 -16.27 8.63
CA GLU F 22 1.05 -16.91 9.59
C GLU F 22 0.70 -18.39 9.73
N ARG F 23 -0.60 -18.71 9.73
CA ARG F 23 -0.97 -20.13 9.81
C ARG F 23 -0.42 -20.90 8.63
N LEU F 24 -0.50 -20.32 7.42
CA LEU F 24 0.07 -20.98 6.25
C LEU F 24 1.57 -21.14 6.40
N ASN F 25 2.23 -20.09 6.89
CA ASN F 25 3.68 -20.14 7.07
C ASN F 25 4.08 -21.26 8.02
N VAL F 26 3.41 -21.37 9.17
CA VAL F 26 3.73 -22.45 10.11
C VAL F 26 3.55 -23.80 9.44
N ALA F 27 2.44 -23.99 8.74
CA ALA F 27 2.13 -25.31 8.19
C ALA F 27 3.09 -25.67 7.07
N LEU F 28 3.52 -24.68 6.28
CA LEU F 28 4.50 -24.92 5.22
C LEU F 28 5.87 -25.18 5.80
N ASP F 29 6.24 -24.47 6.88
CA ASP F 29 7.50 -24.80 7.55
C ASP F 29 7.51 -26.24 8.04
N ASN F 30 6.37 -26.74 8.48
CA ASN F 30 6.32 -28.10 8.96
C ASN F 30 6.16 -29.13 7.86
N GLY F 31 5.48 -28.78 6.77
CA GLY F 31 5.08 -29.75 5.78
C GLY F 31 5.94 -29.81 4.53
N LEU F 32 6.60 -28.73 4.17
CA LEU F 32 7.37 -28.76 2.94
C LEU F 32 8.76 -29.34 3.20
N PRO F 33 9.29 -30.12 2.27
CA PRO F 33 10.63 -30.67 2.45
C PRO F 33 11.72 -29.64 2.17
N GLU F 34 12.92 -29.97 2.62
CA GLU F 34 14.09 -29.17 2.27
C GLU F 34 14.25 -29.12 0.77
N GLY F 35 14.65 -27.97 0.26
CA GLY F 35 14.91 -27.80 -1.16
C GLY F 35 13.72 -27.32 -1.97
N THR F 36 12.55 -27.22 -1.38
CA THR F 36 11.37 -26.69 -2.08
C THR F 36 11.15 -25.25 -1.67
N PRO F 37 10.88 -24.33 -2.62
CA PRO F 37 10.81 -22.90 -2.28
C PRO F 37 9.47 -22.58 -1.63
N LYS F 38 9.52 -22.20 -0.36
CA LYS F 38 8.28 -21.93 0.36
C LYS F 38 7.57 -20.71 -0.21
N ASP F 39 8.32 -19.65 -0.54
CA ASP F 39 7.68 -18.36 -0.75
C ASP F 39 6.67 -18.35 -1.88
N PRO F 40 6.95 -18.87 -3.08
CA PRO F 40 5.91 -18.83 -4.13
C PRO F 40 4.72 -19.72 -3.81
N ILE F 41 4.91 -20.80 -3.04
CA ILE F 41 3.78 -21.63 -2.65
C ILE F 41 2.92 -20.88 -1.64
N LEU F 42 3.57 -20.29 -0.63
CA LEU F 42 2.86 -19.46 0.35
C LEU F 42 2.03 -18.38 -0.33
N ARG F 43 2.63 -17.66 -1.28
CA ARG F 43 1.93 -16.57 -1.94
CA ARG F 43 1.93 -16.56 -1.93
C ARG F 43 0.73 -17.07 -2.72
N SER F 44 0.85 -18.22 -3.38
CA SER F 44 -0.30 -18.73 -4.11
C SER F 44 -1.44 -19.08 -3.15
N LEU F 45 -1.12 -19.80 -2.08
CA LEU F 45 -2.15 -20.22 -1.12
C LEU F 45 -2.77 -19.04 -0.40
N ALA F 46 -1.98 -18.00 -0.16
CA ALA F 46 -2.47 -16.81 0.52
C ALA F 46 -3.46 -16.02 -0.32
N TYR F 47 -3.57 -16.34 -1.62
CA TYR F 47 -4.62 -15.80 -2.47
CA TYR F 47 -4.64 -15.80 -2.46
C TYR F 47 -5.76 -16.81 -2.66
N SER F 48 -5.43 -18.03 -3.11
CA SER F 48 -6.47 -19.00 -3.43
C SER F 48 -7.31 -19.39 -2.24
N ASN F 49 -6.73 -19.36 -1.03
CA ASN F 49 -7.40 -19.85 0.17
C ASN F 49 -7.85 -18.69 1.07
N ALA F 50 -7.68 -17.45 0.60
CA ALA F 50 -8.16 -16.28 1.31
C ALA F 50 -9.68 -16.15 1.19
N ASN F 51 -10.28 -15.41 2.11
CA ASN F 51 -11.71 -15.17 2.05
C ASN F 51 -12.04 -14.20 0.91
N LYS F 52 -13.33 -14.16 0.55
CA LYS F 52 -13.76 -13.43 -0.63
C LYS F 52 -13.40 -11.94 -0.52
N GLU F 53 -13.56 -11.35 0.67
CA GLU F 53 -13.26 -9.94 0.82
C GLU F 53 -11.77 -9.66 0.61
N CYS F 54 -10.90 -10.51 1.16
CA CYS F 54 -9.47 -10.30 0.98
C CYS F 54 -9.01 -10.64 -0.43
N GLN F 55 -9.66 -11.61 -1.09
CA GLN F 55 -9.33 -11.87 -2.50
C GLN F 55 -9.56 -10.62 -3.35
N LYS F 56 -10.64 -9.89 -3.10
CA LYS F 56 -10.89 -8.68 -3.88
C LYS F 56 -9.81 -7.65 -3.63
N LEU F 57 -9.40 -7.48 -2.37
CA LEU F 57 -8.33 -6.54 -2.06
C LEU F 57 -7.02 -6.94 -2.73
N LEU F 58 -6.74 -8.25 -2.76
CA LEU F 58 -5.48 -8.74 -3.32
C LEU F 58 -5.42 -8.53 -4.82
N GLN F 59 -6.57 -8.45 -5.48
CA GLN F 59 -6.58 -8.23 -6.93
C GLN F 59 -5.90 -6.92 -7.30
N ALA F 60 -5.96 -5.92 -6.42
CA ALA F 60 -5.40 -4.59 -6.71
C ALA F 60 -4.07 -4.37 -6.03
N ARG F 61 -3.41 -5.42 -5.55
CA ARG F 61 -2.16 -5.25 -4.84
C ARG F 61 -1.04 -4.76 -5.78
N GLY F 62 0.01 -4.26 -5.16
CA GLY F 62 1.14 -3.72 -5.90
C GLY F 62 2.06 -4.78 -6.48
N HIS F 63 3.13 -4.26 -7.13
CA HIS F 63 4.10 -5.06 -7.87
C HIS F 63 5.51 -4.63 -7.48
N THR F 64 5.92 -4.99 -6.28
CA THR F 64 7.22 -4.55 -5.77
C THR F 64 8.17 -5.74 -5.68
N ASN F 65 9.37 -5.47 -5.19
CA ASN F 65 10.34 -6.53 -4.91
C ASN F 65 10.01 -7.30 -3.64
N SER F 66 8.87 -7.03 -3.00
CA SER F 66 8.42 -7.71 -1.79
C SER F 66 7.02 -8.24 -2.05
N PRO F 67 6.90 -9.32 -2.84
CA PRO F 67 5.56 -9.77 -3.25
C PRO F 67 4.67 -10.25 -2.10
N LEU F 68 5.23 -10.88 -1.05
CA LEU F 68 4.39 -11.22 0.09
C LEU F 68 3.97 -9.96 0.83
N GLY F 69 4.91 -9.04 1.01
CA GLY F 69 4.56 -7.74 1.57
C GLY F 69 3.45 -7.05 0.82
N ASP F 70 3.45 -7.18 -0.52
CA ASP F 70 2.39 -6.55 -1.31
C ASP F 70 1.03 -7.12 -0.95
N MET F 71 0.98 -8.44 -0.70
CA MET F 71 -0.28 -9.06 -0.30
C MET F 71 -0.73 -8.60 1.08
N LEU F 72 0.17 -8.63 2.05
CA LEU F 72 -0.17 -8.18 3.39
C LEU F 72 -0.58 -6.72 3.38
N ARG F 73 0.09 -5.87 2.59
CA ARG F 73 -0.27 -4.46 2.57
C ARG F 73 -1.68 -4.26 2.02
N ALA F 74 -2.03 -4.99 0.96
CA ALA F 74 -3.35 -4.82 0.36
C ALA F 74 -4.47 -5.12 1.34
N CYS F 75 -4.25 -6.06 2.25
CA CYS F 75 -5.29 -6.49 3.17
C CYS F 75 -5.16 -5.82 4.51
N GLN F 76 -4.25 -4.86 4.63
CA GLN F 76 -4.13 -4.11 5.88
C GLN F 76 -5.33 -3.21 6.12
N ALA F 77 -5.99 -2.75 5.06
CA ALA F 77 -7.13 -1.85 5.18
C ALA F 77 -8.45 -2.60 5.35
N TRP F 78 -8.39 -3.90 5.65
CA TRP F 78 -9.57 -4.71 5.87
C TRP F 78 -9.84 -4.85 7.37
N THR F 79 -11.12 -4.90 7.72
CA THR F 79 -11.53 -5.13 9.10
C THR F 79 -12.59 -6.22 9.12
N PRO F 80 -12.47 -7.22 10.02
CA PRO F 80 -13.55 -8.21 10.17
C PRO F 80 -14.90 -7.56 10.43
#